data_9FW4
#
_entry.id   9FW4
#
_cell.length_a   43.744
_cell.length_b   69.331
_cell.length_c   63.177
_cell.angle_alpha   90.00
_cell.angle_beta   109.62
_cell.angle_gamma   90.00
#
_symmetry.space_group_name_H-M   'P 1 21 1'
#
loop_
_entity.id
_entity.type
_entity.pdbx_description
1 polymer 'heme oxygenase (biliverdin-producing)'
2 non-polymer 'PROTOPORPHYRIN IX CONTAINING CO'
3 water water
#
_entity_poly.entity_id   1
_entity_poly.type   'polypeptide(L)'
_entity_poly.pdbx_seq_one_letter_code
;MTTATAGLAVELKQSTAQACEKAEHSTFMSDLLKGRLGVAEFTRLQEQAWLFYTALEQAVDAVRASGFAESLLDPALNRA
EVLARDLDKLNGSSEWRSRITASPAVIDYVNRLEEIRDNVDGPALVAHHYVRYLGDLSGGQVIARMMQRHYGVDPEALGF
YHFEGIAKLKVYKDEYREKLNNLELSDEQREHLLKEATDAFVFNHQVFADLGKGL
;
_entity_poly.pdbx_strand_id   A,B
#
loop_
_chem_comp.id
_chem_comp.type
_chem_comp.name
_chem_comp.formula
COH non-polymer 'PROTOPORPHYRIN IX CONTAINING CO' 'C34 H32 Co N4 O4'
#
# COMPACT_ATOMS: atom_id res chain seq x y z
N ALA A 6 -20.16 -7.33 -2.06
CA ALA A 6 -20.72 -6.16 -1.38
C ALA A 6 -19.70 -5.03 -1.32
N GLY A 7 -19.86 -4.06 -2.23
CA GLY A 7 -18.93 -2.96 -2.32
C GLY A 7 -17.93 -3.15 -3.45
N LEU A 8 -18.12 -2.46 -4.57
CA LEU A 8 -17.31 -2.71 -5.76
C LEU A 8 -15.85 -2.36 -5.51
N ALA A 9 -15.59 -1.20 -4.88
CA ALA A 9 -14.22 -0.80 -4.60
C ALA A 9 -13.53 -1.83 -3.71
N VAL A 10 -14.24 -2.32 -2.68
CA VAL A 10 -13.67 -3.35 -1.81
C VAL A 10 -13.55 -4.67 -2.57
N GLU A 11 -14.60 -5.06 -3.28
CA GLU A 11 -14.56 -6.32 -4.01
C GLU A 11 -13.48 -6.32 -5.09
N LEU A 12 -13.21 -5.15 -5.67
CA LEU A 12 -12.09 -5.04 -6.61
C LEU A 12 -10.76 -5.16 -5.89
N LYS A 13 -10.63 -4.50 -4.73
CA LYS A 13 -9.35 -4.50 -4.03
C LYS A 13 -9.04 -5.87 -3.43
N GLN A 14 -10.06 -6.65 -3.09
CA GLN A 14 -9.84 -7.98 -2.52
C GLN A 14 -9.59 -9.02 -3.60
N SER A 15 -10.26 -8.89 -4.75
CA SER A 15 -10.06 -9.86 -5.82
CA SER A 15 -10.07 -9.86 -5.84
C SER A 15 -8.69 -9.72 -6.48
N THR A 16 -8.18 -8.51 -6.57
CA THR A 16 -6.88 -8.25 -7.18
C THR A 16 -5.76 -8.07 -6.15
N ALA A 17 -6.06 -8.26 -4.86
CA ALA A 17 -5.04 -8.07 -3.83
C ALA A 17 -3.87 -9.01 -4.04
N GLN A 18 -4.14 -10.24 -4.46
CA GLN A 18 -3.06 -11.18 -4.74
C GLN A 18 -2.18 -10.66 -5.87
N ALA A 19 -2.77 -10.42 -7.05
CA ALA A 19 -1.98 -9.96 -8.19
C ALA A 19 -1.31 -8.63 -7.93
N CYS A 20 -1.89 -7.79 -7.06
CA CYS A 20 -1.27 -6.51 -6.75
C CYS A 20 0.04 -6.71 -6.00
N GLU A 21 0.07 -7.64 -5.04
CA GLU A 21 1.31 -7.95 -4.35
C GLU A 21 2.33 -8.59 -5.29
N LYS A 22 1.86 -9.43 -6.22
CA LYS A 22 2.76 -10.00 -7.22
C LYS A 22 3.27 -8.95 -8.19
N ALA A 23 2.57 -7.81 -8.32
CA ALA A 23 2.99 -6.79 -9.26
C ALA A 23 4.21 -6.02 -8.76
N GLU A 24 4.35 -5.89 -7.44
CA GLU A 24 5.50 -5.20 -6.86
C GLU A 24 6.75 -6.06 -6.84
N HIS A 25 6.65 -7.35 -7.17
CA HIS A 25 7.75 -8.29 -7.04
C HIS A 25 8.42 -8.64 -8.36
N SER A 26 8.04 -7.96 -9.45
CA SER A 26 8.64 -8.28 -10.74
CA SER A 26 8.63 -8.25 -10.75
C SER A 26 10.13 -8.00 -10.71
N THR A 27 10.89 -8.81 -11.46
CA THR A 27 12.34 -8.67 -11.47
C THR A 27 12.76 -7.28 -11.93
N PHE A 28 12.13 -6.78 -12.99
CA PHE A 28 12.45 -5.44 -13.48
C PHE A 28 12.10 -4.37 -12.44
N MET A 29 10.93 -4.50 -11.81
CA MET A 29 10.49 -3.47 -10.87
C MET A 29 11.22 -3.58 -9.54
N SER A 30 11.73 -4.77 -9.21
CA SER A 30 12.59 -4.91 -8.03
CA SER A 30 12.59 -4.91 -8.03
C SER A 30 13.91 -4.18 -8.24
N ASP A 31 14.60 -4.49 -9.34
CA ASP A 31 15.87 -3.84 -9.63
C ASP A 31 15.70 -2.33 -9.79
N LEU A 32 14.57 -1.90 -10.36
CA LEU A 32 14.37 -0.49 -10.63
C LEU A 32 14.22 0.33 -9.35
N LEU A 33 13.43 -0.17 -8.41
CA LEU A 33 13.18 0.58 -7.18
C LEU A 33 14.30 0.41 -6.16
N LYS A 34 15.00 -0.72 -6.19
CA LYS A 34 16.08 -0.96 -5.23
C LYS A 34 17.42 -0.38 -5.69
N GLY A 35 17.44 0.39 -6.78
CA GLY A 35 18.64 1.09 -7.18
C GLY A 35 19.61 0.31 -8.04
N ARG A 36 19.13 -0.69 -8.78
CA ARG A 36 20.01 -1.55 -9.55
C ARG A 36 20.06 -1.23 -11.03
N LEU A 37 19.07 -0.49 -11.55
CA LEU A 37 19.05 -0.17 -12.98
C LEU A 37 19.55 1.25 -13.21
N GLY A 38 18.72 2.09 -13.83
CA GLY A 38 19.13 3.45 -14.10
C GLY A 38 18.09 4.18 -14.93
N VAL A 39 18.49 5.36 -15.40
CA VAL A 39 17.59 6.20 -16.17
C VAL A 39 17.26 5.57 -17.52
N ALA A 40 18.17 4.76 -18.07
CA ALA A 40 17.93 4.18 -19.39
C ALA A 40 16.82 3.13 -19.34
N GLU A 41 16.89 2.21 -18.36
CA GLU A 41 15.86 1.19 -18.25
C GLU A 41 14.50 1.78 -17.90
N PHE A 42 14.49 2.81 -17.05
CA PHE A 42 13.24 3.47 -16.69
C PHE A 42 12.64 4.21 -17.88
N THR A 43 13.48 4.79 -18.73
CA THR A 43 12.97 5.42 -19.95
C THR A 43 12.34 4.38 -20.88
N ARG A 44 12.89 3.17 -20.90
CA ARG A 44 12.27 2.09 -21.67
C ARG A 44 10.90 1.74 -21.11
N LEU A 45 10.76 1.79 -19.77
CA LEU A 45 9.46 1.54 -19.16
C LEU A 45 8.42 2.57 -19.60
N GLN A 46 8.80 3.85 -19.58
CA GLN A 46 7.85 4.90 -19.95
C GLN A 46 7.54 4.90 -21.44
N GLU A 47 8.43 4.35 -22.27
CA GLU A 47 8.13 4.26 -23.70
C GLU A 47 7.09 3.20 -23.98
N GLN A 48 7.17 2.06 -23.29
CA GLN A 48 6.09 1.08 -23.39
C GLN A 48 4.82 1.60 -22.74
N ALA A 49 4.96 2.35 -21.65
CA ALA A 49 3.80 2.94 -20.99
C ALA A 49 3.06 3.88 -21.94
N TRP A 50 3.78 4.76 -22.63
CA TRP A 50 3.16 5.66 -23.58
C TRP A 50 2.39 4.89 -24.66
N LEU A 51 2.87 3.69 -25.02
CA LEU A 51 2.18 2.92 -26.05
C LEU A 51 0.83 2.42 -25.57
N PHE A 52 0.79 1.72 -24.42
CA PHE A 52 -0.50 1.20 -23.99
C PHE A 52 -1.34 2.24 -23.26
N TYR A 53 -0.74 3.30 -22.72
CA TYR A 53 -1.55 4.40 -22.20
C TYR A 53 -2.24 5.15 -23.32
N THR A 54 -1.63 5.19 -24.51
CA THR A 54 -2.33 5.76 -25.66
C THR A 54 -3.52 4.89 -26.04
N ALA A 55 -3.34 3.58 -26.11
CA ALA A 55 -4.44 2.68 -26.46
C ALA A 55 -5.51 2.65 -25.38
N LEU A 56 -5.13 2.83 -24.12
CA LEU A 56 -6.10 2.82 -23.03
C LEU A 56 -7.02 4.03 -23.11
N GLU A 57 -6.44 5.23 -23.23
CA GLU A 57 -7.24 6.45 -23.20
C GLU A 57 -8.07 6.63 -24.47
N GLN A 58 -7.71 5.94 -25.55
CA GLN A 58 -8.65 5.84 -26.67
C GLN A 58 -9.89 5.07 -26.27
N ALA A 59 -9.72 3.97 -25.53
CA ALA A 59 -10.86 3.22 -25.03
C ALA A 59 -11.63 4.02 -23.99
N VAL A 60 -10.93 4.81 -23.17
CA VAL A 60 -11.60 5.67 -22.21
C VAL A 60 -12.45 6.71 -22.92
N ASP A 61 -11.90 7.32 -23.98
CA ASP A 61 -12.65 8.32 -24.74
C ASP A 61 -13.88 7.70 -25.38
N ALA A 62 -13.75 6.49 -25.93
CA ALA A 62 -14.87 5.85 -26.59
C ALA A 62 -15.96 5.47 -25.59
N VAL A 63 -15.56 4.97 -24.42
CA VAL A 63 -16.55 4.60 -23.40
C VAL A 63 -17.18 5.85 -22.80
N ARG A 64 -16.38 6.89 -22.58
CA ARG A 64 -16.92 8.13 -22.00
C ARG A 64 -17.97 8.74 -22.92
N ALA A 65 -17.73 8.70 -24.23
CA ALA A 65 -18.69 9.24 -25.19
C ALA A 65 -20.00 8.46 -25.18
N SER A 66 -19.98 7.19 -24.76
CA SER A 66 -21.20 6.40 -24.66
C SER A 66 -22.03 6.73 -23.43
N GLY A 67 -21.50 7.52 -22.50
CA GLY A 67 -22.21 7.87 -21.29
C GLY A 67 -22.05 6.89 -20.14
N PHE A 68 -21.11 5.96 -20.23
CA PHE A 68 -20.88 4.94 -19.20
C PHE A 68 -19.78 5.40 -18.26
N ALA A 69 -20.06 5.37 -16.95
CA ALA A 69 -19.09 5.73 -15.92
C ALA A 69 -18.47 7.10 -16.19
N GLU A 70 -19.31 8.05 -16.59
CA GLU A 70 -18.81 9.35 -17.05
C GLU A 70 -18.04 10.07 -15.94
N SER A 71 -18.59 10.07 -14.73
CA SER A 71 -17.92 10.79 -13.64
C SER A 71 -16.59 10.14 -13.26
N LEU A 72 -16.44 8.85 -13.52
CA LEU A 72 -15.21 8.15 -13.15
C LEU A 72 -14.10 8.43 -14.15
N LEU A 73 -14.43 8.54 -15.43
CA LEU A 73 -13.43 8.73 -16.49
C LEU A 73 -13.01 10.20 -16.52
N ASP A 74 -12.27 10.57 -15.49
CA ASP A 74 -11.81 11.94 -15.32
C ASP A 74 -10.75 12.26 -16.36
N PRO A 75 -10.95 13.27 -17.22
CA PRO A 75 -9.88 13.66 -18.15
C PRO A 75 -8.61 14.10 -17.46
N ALA A 76 -8.69 14.57 -16.21
CA ALA A 76 -7.50 14.97 -15.48
C ALA A 76 -6.58 13.80 -15.17
N LEU A 77 -7.00 12.58 -15.50
CA LEU A 77 -6.16 11.41 -15.33
C LEU A 77 -5.36 11.06 -16.58
N ASN A 78 -5.59 11.77 -17.69
CA ASN A 78 -4.90 11.45 -18.93
C ASN A 78 -3.39 11.53 -18.75
N ARG A 79 -2.69 10.51 -19.25
CA ARG A 79 -1.25 10.38 -19.04
C ARG A 79 -0.42 10.38 -20.32
N ALA A 80 -1.05 10.19 -21.49
CA ALA A 80 -0.28 9.98 -22.71
C ALA A 80 0.51 11.23 -23.09
N GLU A 81 -0.12 12.40 -23.06
CA GLU A 81 0.58 13.62 -23.43
C GLU A 81 1.67 13.96 -22.43
N VAL A 82 1.39 13.81 -21.13
CA VAL A 82 2.40 14.07 -20.11
C VAL A 82 3.56 13.10 -20.26
N LEU A 83 3.28 11.85 -20.63
CA LEU A 83 4.35 10.90 -20.91
C LEU A 83 5.20 11.37 -22.09
N ALA A 84 4.56 11.82 -23.16
CA ALA A 84 5.29 12.37 -24.30
C ALA A 84 6.17 13.54 -23.88
N ARG A 85 5.66 14.38 -22.97
CA ARG A 85 6.48 15.48 -22.47
C ARG A 85 7.61 14.96 -21.57
N ASP A 86 7.39 13.87 -20.85
CA ASP A 86 8.46 13.30 -20.04
C ASP A 86 9.48 12.58 -20.90
N LEU A 87 9.04 11.89 -21.95
CA LEU A 87 9.97 11.17 -22.81
C LEU A 87 10.85 12.14 -23.59
N ASP A 88 10.35 13.34 -23.89
CA ASP A 88 11.19 14.36 -24.50
C ASP A 88 12.38 14.70 -23.60
N LYS A 89 12.11 14.88 -22.31
CA LYS A 89 13.18 15.20 -21.37
CA LYS A 89 13.19 15.20 -21.39
C LYS A 89 14.05 13.97 -21.08
N LEU A 90 13.41 12.81 -20.92
CA LEU A 90 14.16 11.60 -20.60
C LEU A 90 15.12 11.21 -21.72
N ASN A 91 14.68 11.37 -22.97
CA ASN A 91 15.55 11.10 -24.11
C ASN A 91 16.37 12.30 -24.54
N GLY A 92 16.09 13.49 -23.99
CA GLY A 92 16.82 14.69 -24.33
C GLY A 92 16.55 15.15 -25.75
N SER A 93 15.49 14.59 -26.34
CA SER A 93 15.12 14.86 -27.72
C SER A 93 13.79 14.18 -27.99
N SER A 94 13.01 14.78 -28.90
CA SER A 94 11.73 14.22 -29.31
C SER A 94 11.88 13.13 -30.37
N GLU A 95 13.11 12.80 -30.79
CA GLU A 95 13.33 11.76 -31.78
C GLU A 95 13.08 10.35 -31.24
N TRP A 96 12.51 10.19 -30.05
CA TRP A 96 12.07 8.87 -29.62
C TRP A 96 10.80 8.43 -30.35
N ARG A 97 10.01 9.39 -30.82
CA ARG A 97 8.77 9.07 -31.52
C ARG A 97 9.04 8.33 -32.82
N SER A 98 10.19 8.58 -33.45
CA SER A 98 10.53 7.95 -34.72
C SER A 98 11.22 6.60 -34.55
N ARG A 99 11.19 6.02 -33.35
CA ARG A 99 11.86 4.75 -33.15
CA ARG A 99 11.90 4.78 -33.09
C ARG A 99 11.25 3.91 -32.03
N ILE A 100 10.07 4.26 -31.52
CA ILE A 100 9.47 3.45 -30.47
C ILE A 100 9.16 2.06 -31.00
N THR A 101 9.39 1.05 -30.15
CA THR A 101 9.05 -0.33 -30.45
C THR A 101 8.28 -0.92 -29.30
N ALA A 102 7.32 -1.78 -29.63
CA ALA A 102 6.47 -2.43 -28.64
C ALA A 102 6.98 -3.85 -28.40
N SER A 103 7.30 -4.16 -27.15
CA SER A 103 7.58 -5.54 -26.78
C SER A 103 6.33 -6.38 -27.00
N PRO A 104 6.48 -7.70 -27.14
CA PRO A 104 5.30 -8.55 -27.42
C PRO A 104 4.16 -8.38 -26.43
N ALA A 105 4.45 -8.35 -25.13
CA ALA A 105 3.40 -8.24 -24.13
C ALA A 105 2.68 -6.89 -24.23
N VAL A 106 3.38 -5.83 -24.61
CA VAL A 106 2.73 -4.54 -24.79
C VAL A 106 1.79 -4.59 -25.99
N ILE A 107 2.21 -5.25 -27.07
CA ILE A 107 1.33 -5.45 -28.21
C ILE A 107 0.08 -6.23 -27.78
N ASP A 108 0.27 -7.26 -26.95
CA ASP A 108 -0.88 -8.02 -26.44
C ASP A 108 -1.75 -7.15 -25.54
N TYR A 109 -1.12 -6.28 -24.75
CA TYR A 109 -1.86 -5.34 -23.92
C TYR A 109 -2.61 -4.32 -24.78
N VAL A 110 -1.98 -3.86 -25.86
CA VAL A 110 -2.60 -2.84 -26.71
C VAL A 110 -3.78 -3.44 -27.49
N ASN A 111 -3.64 -4.68 -27.97
CA ASN A 111 -4.71 -5.30 -28.73
C ASN A 111 -5.99 -5.42 -27.92
N ARG A 112 -5.86 -5.76 -26.64
CA ARG A 112 -7.05 -5.88 -25.78
C ARG A 112 -7.70 -4.53 -25.54
N LEU A 113 -6.90 -3.49 -25.32
CA LEU A 113 -7.46 -2.15 -25.11
C LEU A 113 -8.15 -1.63 -26.36
N GLU A 114 -7.64 -1.98 -27.53
CA GLU A 114 -8.35 -1.63 -28.77
C GLU A 114 -9.62 -2.46 -28.91
N GLU A 115 -9.58 -3.72 -28.46
CA GLU A 115 -10.78 -4.55 -28.47
C GLU A 115 -11.85 -3.96 -27.57
N ILE A 116 -11.47 -3.49 -26.39
CA ILE A 116 -12.40 -2.82 -25.49
C ILE A 116 -12.91 -1.53 -26.12
N ARG A 117 -12.02 -0.81 -26.80
CA ARG A 117 -12.41 0.44 -27.46
C ARG A 117 -13.42 0.17 -28.57
N ASP A 118 -13.13 -0.80 -29.45
CA ASP A 118 -13.99 -1.06 -30.60
C ASP A 118 -15.31 -1.69 -30.19
N ASN A 119 -15.34 -2.41 -29.07
CA ASN A 119 -16.60 -2.91 -28.53
C ASN A 119 -17.29 -1.92 -27.61
N VAL A 120 -16.62 -0.82 -27.27
CA VAL A 120 -17.09 0.14 -26.27
C VAL A 120 -17.49 -0.63 -25.02
N ASP A 121 -16.60 -1.51 -24.57
CA ASP A 121 -16.83 -2.37 -23.41
C ASP A 121 -16.59 -1.55 -22.16
N GLY A 122 -17.64 -0.89 -21.69
CA GLY A 122 -17.57 -0.02 -20.53
C GLY A 122 -17.00 -0.68 -19.28
N PRO A 123 -17.67 -1.74 -18.79
CA PRO A 123 -17.15 -2.41 -17.58
C PRO A 123 -15.72 -2.91 -17.73
N ALA A 124 -15.38 -3.51 -18.87
CA ALA A 124 -13.99 -3.93 -19.06
C ALA A 124 -13.05 -2.75 -19.09
N LEU A 125 -13.51 -1.60 -19.58
CA LEU A 125 -12.68 -0.40 -19.58
C LEU A 125 -12.42 0.08 -18.15
N VAL A 126 -13.46 0.10 -17.32
CA VAL A 126 -13.32 0.55 -15.93
C VAL A 126 -12.31 -0.32 -15.18
N ALA A 127 -12.26 -1.62 -15.51
CA ALA A 127 -11.25 -2.49 -14.90
C ALA A 127 -9.85 -2.00 -15.22
N HIS A 128 -9.55 -1.77 -16.50
CA HIS A 128 -8.25 -1.24 -16.88
C HIS A 128 -8.05 0.17 -16.36
N HIS A 129 -9.12 0.96 -16.31
CA HIS A 129 -9.04 2.30 -15.74
C HIS A 129 -8.65 2.26 -14.27
N TYR A 130 -9.18 1.28 -13.53
CA TYR A 130 -8.87 1.14 -12.11
C TYR A 130 -7.43 0.69 -11.90
N VAL A 131 -6.99 -0.31 -12.67
CA VAL A 131 -5.70 -0.93 -12.42
C VAL A 131 -4.55 0.04 -12.67
N ARG A 132 -4.62 0.78 -13.77
CA ARG A 132 -3.50 1.67 -14.13
C ARG A 132 -3.52 2.94 -13.28
N TYR A 133 -4.64 3.66 -13.28
CA TYR A 133 -4.65 5.01 -12.71
C TYR A 133 -4.54 4.98 -11.18
N LEU A 134 -5.23 4.05 -10.53
CA LEU A 134 -5.09 3.94 -9.08
C LEU A 134 -3.69 3.49 -8.69
N GLY A 135 -3.06 2.63 -9.51
CA GLY A 135 -1.67 2.30 -9.27
C GLY A 135 -0.75 3.51 -9.44
N ASP A 136 -1.05 4.36 -10.43
CA ASP A 136 -0.29 5.59 -10.61
C ASP A 136 -0.46 6.51 -9.41
N LEU A 137 -1.70 6.64 -8.92
CA LEU A 137 -1.97 7.46 -7.75
C LEU A 137 -1.50 6.83 -6.45
N SER A 138 -0.96 5.61 -6.49
CA SER A 138 -0.51 4.94 -5.28
C SER A 138 0.95 4.53 -5.38
N GLY A 139 1.21 3.37 -5.98
CA GLY A 139 2.57 2.90 -6.11
C GLY A 139 3.43 3.81 -6.97
N GLY A 140 2.82 4.46 -7.97
CA GLY A 140 3.55 5.41 -8.79
C GLY A 140 4.18 6.53 -7.99
N GLN A 141 3.55 6.93 -6.89
CA GLN A 141 4.16 7.92 -6.01
C GLN A 141 5.43 7.36 -5.38
N VAL A 142 5.44 6.06 -5.08
CA VAL A 142 6.65 5.43 -4.56
C VAL A 142 7.68 5.25 -5.66
N ILE A 143 7.23 4.85 -6.85
CA ILE A 143 8.16 4.70 -7.98
C ILE A 143 8.79 6.04 -8.34
N ALA A 144 8.01 7.11 -8.30
CA ALA A 144 8.55 8.43 -8.62
C ALA A 144 9.63 8.85 -7.63
N ARG A 145 9.41 8.57 -6.35
CA ARG A 145 10.40 8.94 -5.32
CA ARG A 145 10.40 8.94 -5.33
C ARG A 145 11.70 8.16 -5.52
N MET A 146 11.60 6.85 -5.74
CA MET A 146 12.82 6.04 -5.89
C MET A 146 13.59 6.42 -7.14
N MET A 147 12.92 6.98 -8.15
CA MET A 147 13.63 7.47 -9.32
C MET A 147 14.53 8.66 -8.95
N GLN A 148 14.00 9.59 -8.16
CA GLN A 148 14.80 10.75 -7.74
C GLN A 148 15.89 10.33 -6.76
N ARG A 149 15.53 9.49 -5.79
CA ARG A 149 16.48 9.11 -4.75
C ARG A 149 17.66 8.34 -5.31
N HIS A 150 17.39 7.37 -6.19
CA HIS A 150 18.47 6.49 -6.64
C HIS A 150 19.21 7.08 -7.83
N TYR A 151 18.51 7.75 -8.74
CA TYR A 151 19.07 8.10 -10.04
C TYR A 151 19.11 9.59 -10.32
N GLY A 152 18.67 10.43 -9.38
CA GLY A 152 18.72 11.87 -9.59
C GLY A 152 17.98 12.37 -10.81
N VAL A 153 16.93 11.66 -11.23
CA VAL A 153 16.15 12.09 -12.39
C VAL A 153 15.50 13.43 -12.08
N ASP A 154 15.56 14.34 -13.06
CA ASP A 154 14.96 15.66 -12.92
C ASP A 154 13.48 15.52 -12.55
N PRO A 155 13.02 16.16 -11.48
CA PRO A 155 11.62 15.98 -11.06
C PRO A 155 10.60 16.37 -12.11
N GLU A 156 10.99 17.11 -13.14
CA GLU A 156 10.07 17.46 -14.22
C GLU A 156 10.00 16.42 -15.32
N ALA A 157 10.95 15.50 -15.38
CA ALA A 157 10.85 14.35 -16.25
C ALA A 157 10.07 13.22 -15.59
N LEU A 158 9.46 13.47 -14.43
CA LEU A 158 8.60 12.52 -13.74
C LEU A 158 7.16 13.02 -13.64
N GLY A 159 6.74 13.88 -14.57
CA GLY A 159 5.40 14.43 -14.53
C GLY A 159 4.30 13.40 -14.69
N PHE A 160 4.65 12.21 -15.19
CA PHE A 160 3.66 11.14 -15.30
C PHE A 160 3.08 10.76 -13.95
N TYR A 161 3.89 10.84 -12.90
CA TYR A 161 3.46 10.46 -11.56
C TYR A 161 2.84 11.60 -10.77
N HIS A 162 2.83 12.82 -11.31
CA HIS A 162 2.20 13.95 -10.68
C HIS A 162 0.96 14.35 -11.48
N PHE A 163 -0.15 14.56 -10.79
CA PHE A 163 -1.43 14.88 -11.42
C PHE A 163 -1.78 16.33 -11.11
N GLU A 164 -1.70 17.18 -12.14
CA GLU A 164 -1.88 18.62 -11.93
C GLU A 164 -3.31 18.97 -11.54
N GLY A 165 -4.30 18.20 -12.03
CA GLY A 165 -5.67 18.45 -11.62
C GLY A 165 -6.01 17.97 -10.23
N ILE A 166 -5.15 17.13 -9.65
CA ILE A 166 -5.44 16.43 -8.40
C ILE A 166 -4.46 16.94 -7.35
N ALA A 167 -4.92 17.80 -6.45
CA ALA A 167 -4.08 18.29 -5.38
C ALA A 167 -4.01 17.30 -4.21
N LYS A 168 -5.17 16.97 -3.64
CA LYS A 168 -5.25 16.01 -2.55
C LYS A 168 -5.41 14.61 -3.13
N LEU A 169 -4.29 13.87 -3.20
CA LEU A 169 -4.34 12.52 -3.75
C LEU A 169 -5.14 11.57 -2.87
N LYS A 170 -4.98 11.69 -1.54
CA LYS A 170 -5.74 10.84 -0.64
C LYS A 170 -7.24 11.07 -0.80
N VAL A 171 -7.66 12.33 -0.86
CA VAL A 171 -9.06 12.66 -1.04
C VAL A 171 -9.55 12.15 -2.38
N TYR A 172 -8.74 12.29 -3.43
CA TYR A 172 -9.15 11.85 -4.76
C TYR A 172 -9.26 10.34 -4.83
N LYS A 173 -8.26 9.62 -4.31
CA LYS A 173 -8.35 8.17 -4.27
C LYS A 173 -9.56 7.70 -3.47
N ASP A 174 -9.94 8.46 -2.43
CA ASP A 174 -11.19 8.18 -1.73
C ASP A 174 -12.39 8.51 -2.62
N GLU A 175 -12.33 9.64 -3.33
CA GLU A 175 -13.41 10.00 -4.23
C GLU A 175 -13.54 9.00 -5.38
N TYR A 176 -12.40 8.47 -5.84
CA TYR A 176 -12.45 7.48 -6.92
C TYR A 176 -13.16 6.21 -6.49
N ARG A 177 -12.81 5.70 -5.30
CA ARG A 177 -13.45 4.49 -4.80
C ARG A 177 -14.94 4.69 -4.56
N GLU A 178 -15.35 5.91 -4.22
CA GLU A 178 -16.78 6.19 -4.05
C GLU A 178 -17.53 6.09 -5.37
N LYS A 179 -16.94 6.62 -6.45
CA LYS A 179 -17.56 6.48 -7.76
C LYS A 179 -17.58 5.03 -8.22
N LEU A 180 -16.57 4.24 -7.82
CA LEU A 180 -16.61 2.81 -8.10
C LEU A 180 -17.80 2.15 -7.41
N ASN A 181 -17.99 2.43 -6.13
CA ASN A 181 -19.13 1.88 -5.40
C ASN A 181 -20.46 2.42 -5.91
N ASN A 182 -20.47 3.60 -6.54
CA ASN A 182 -21.70 4.19 -7.05
C ASN A 182 -22.03 3.77 -8.48
N LEU A 183 -21.13 3.04 -9.15
CA LEU A 183 -21.43 2.55 -10.49
C LEU A 183 -22.65 1.64 -10.45
N GLU A 184 -23.53 1.82 -11.43
CA GLU A 184 -24.72 0.98 -11.57
C GLU A 184 -24.39 -0.10 -12.60
N LEU A 185 -24.08 -1.29 -12.11
CA LEU A 185 -23.67 -2.41 -12.94
C LEU A 185 -24.60 -3.59 -12.70
N SER A 186 -24.97 -4.27 -13.78
CA SER A 186 -25.65 -5.55 -13.63
C SER A 186 -24.67 -6.58 -13.09
N ASP A 187 -25.23 -7.69 -12.59
CA ASP A 187 -24.36 -8.78 -12.13
C ASP A 187 -23.50 -9.32 -13.26
N GLU A 188 -24.00 -9.28 -14.49
CA GLU A 188 -23.19 -9.68 -15.64
C GLU A 188 -22.04 -8.70 -15.85
N GLN A 189 -22.34 -7.39 -15.80
CA GLN A 189 -21.29 -6.39 -15.95
C GLN A 189 -20.31 -6.46 -14.78
N ARG A 190 -20.81 -6.68 -13.57
CA ARG A 190 -19.97 -6.67 -12.39
C ARG A 190 -18.92 -7.79 -12.44
N GLU A 191 -19.34 -8.99 -12.84
CA GLU A 191 -18.39 -10.09 -12.96
C GLU A 191 -17.42 -9.84 -14.11
N HIS A 192 -17.92 -9.32 -15.23
CA HIS A 192 -17.05 -9.01 -16.37
C HIS A 192 -15.96 -8.01 -15.97
N LEU A 193 -16.33 -7.02 -15.16
CA LEU A 193 -15.34 -6.04 -14.70
C LEU A 193 -14.34 -6.68 -13.76
N LEU A 194 -14.81 -7.48 -12.80
CA LEU A 194 -13.91 -8.10 -11.82
C LEU A 194 -12.95 -9.08 -12.49
N LYS A 195 -13.40 -9.75 -13.55
CA LYS A 195 -12.51 -10.68 -14.26
C LYS A 195 -11.46 -9.91 -15.07
N GLU A 196 -11.87 -8.84 -15.75
CA GLU A 196 -10.93 -8.05 -16.54
C GLU A 196 -9.89 -7.37 -15.66
N ALA A 197 -10.24 -7.07 -14.40
CA ALA A 197 -9.26 -6.46 -13.50
C ALA A 197 -8.10 -7.42 -13.24
N THR A 198 -8.40 -8.68 -12.95
CA THR A 198 -7.34 -9.67 -12.83
C THR A 198 -6.61 -9.84 -14.16
N ASP A 199 -7.33 -9.77 -15.28
CA ASP A 199 -6.69 -9.77 -16.58
C ASP A 199 -5.78 -8.56 -16.76
N ALA A 200 -6.21 -7.39 -16.27
CA ALA A 200 -5.42 -6.17 -16.45
C ALA A 200 -4.10 -6.27 -15.69
N PHE A 201 -4.11 -6.88 -14.51
CA PHE A 201 -2.86 -7.07 -13.77
C PHE A 201 -1.95 -8.06 -14.48
N VAL A 202 -2.54 -9.11 -15.08
CA VAL A 202 -1.73 -10.08 -15.83
C VAL A 202 -1.10 -9.41 -17.05
N PHE A 203 -1.85 -8.54 -17.73
CA PHE A 203 -1.29 -7.79 -18.84
C PHE A 203 -0.09 -6.96 -18.41
N ASN A 204 -0.23 -6.24 -17.28
CA ASN A 204 0.89 -5.44 -16.80
C ASN A 204 2.05 -6.31 -16.35
N HIS A 205 1.76 -7.43 -15.69
CA HIS A 205 2.82 -8.29 -15.19
C HIS A 205 3.72 -8.78 -16.32
N GLN A 206 3.13 -9.10 -17.48
CA GLN A 206 3.93 -9.55 -18.61
C GLN A 206 4.65 -8.38 -19.29
N VAL A 207 4.13 -7.16 -19.16
CA VAL A 207 4.85 -5.99 -19.63
C VAL A 207 6.16 -5.84 -18.86
N PHE A 208 6.11 -6.05 -17.54
CA PHE A 208 7.32 -5.96 -16.73
C PHE A 208 8.20 -7.19 -16.86
N ALA A 209 7.62 -8.34 -17.22
CA ALA A 209 8.43 -9.51 -17.51
C ALA A 209 9.22 -9.31 -18.81
N ASP A 210 8.60 -8.66 -19.80
CA ASP A 210 9.32 -8.33 -21.02
C ASP A 210 10.46 -7.35 -20.75
N LEU A 211 10.19 -6.32 -19.93
CA LEU A 211 11.22 -5.34 -19.62
C LEU A 211 12.43 -5.99 -18.98
N GLY A 212 12.21 -6.85 -17.98
CA GLY A 212 13.30 -7.55 -17.34
C GLY A 212 13.99 -8.55 -18.23
N LYS A 213 13.32 -9.03 -19.27
CA LYS A 213 13.91 -9.97 -20.23
C LYS A 213 14.56 -9.28 -21.42
N GLY A 214 14.31 -7.99 -21.63
CA GLY A 214 14.92 -7.29 -22.74
C GLY A 214 14.30 -7.60 -24.08
N LEU A 215 12.98 -7.49 -24.16
CA LEU A 215 12.24 -7.82 -25.36
C LEU A 215 11.52 -6.60 -25.92
N ALA B 6 26.22 0.32 22.82
CA ALA B 6 25.12 -0.63 22.66
C ALA B 6 24.59 -0.64 21.24
N GLY B 7 23.97 -1.74 20.85
CA GLY B 7 23.41 -1.87 19.52
C GLY B 7 22.14 -1.03 19.35
N LEU B 8 21.49 -1.24 18.21
CA LEU B 8 20.26 -0.49 17.92
C LEU B 8 19.08 -1.04 18.71
N ALA B 9 18.97 -2.36 18.81
CA ALA B 9 17.85 -2.97 19.53
C ALA B 9 17.88 -2.59 21.00
N VAL B 10 19.08 -2.48 21.59
CA VAL B 10 19.17 -2.10 22.99
C VAL B 10 18.74 -0.65 23.18
N GLU B 11 19.33 0.27 22.41
CA GLU B 11 18.94 1.68 22.53
C GLU B 11 17.45 1.87 22.22
N LEU B 12 16.92 1.09 21.28
CA LEU B 12 15.49 1.17 20.99
C LEU B 12 14.65 0.88 22.23
N LYS B 13 15.14 0.03 23.13
CA LYS B 13 14.40 -0.24 24.35
C LYS B 13 14.62 0.85 25.40
N GLN B 14 15.86 1.33 25.54
CA GLN B 14 16.12 2.41 26.51
C GLN B 14 15.33 3.66 26.16
N SER B 15 15.32 4.04 24.89
CA SER B 15 14.69 5.28 24.46
C SER B 15 13.17 5.24 24.60
N THR B 16 12.57 4.06 24.58
CA THR B 16 11.12 3.92 24.58
C THR B 16 10.57 3.23 25.82
N ALA B 17 11.42 2.84 26.77
CA ALA B 17 10.94 2.16 27.97
C ALA B 17 9.99 3.05 28.77
N GLN B 18 10.23 4.36 28.77
CA GLN B 18 9.34 5.27 29.49
CA GLN B 18 9.34 5.27 29.49
C GLN B 18 8.00 5.40 28.79
N ALA B 19 7.98 5.42 27.46
CA ALA B 19 6.73 5.48 26.73
C ALA B 19 6.05 4.12 26.70
N CYS B 20 6.83 3.04 26.84
CA CYS B 20 6.25 1.71 26.90
C CYS B 20 5.35 1.57 28.12
N GLU B 21 5.82 2.03 29.29
CA GLU B 21 5.01 1.91 30.49
C GLU B 21 3.85 2.90 30.49
N LYS B 22 4.01 4.03 29.82
CA LYS B 22 2.96 5.05 29.76
C LYS B 22 1.71 4.50 29.07
N ALA B 23 1.83 4.18 27.78
CA ALA B 23 0.70 3.63 27.04
C ALA B 23 0.33 2.23 27.49
N GLU B 24 1.15 1.61 28.35
CA GLU B 24 0.75 0.40 29.06
C GLU B 24 -0.12 0.71 30.27
N HIS B 25 -0.04 1.95 30.78
CA HIS B 25 -0.82 2.37 31.94
C HIS B 25 -1.96 3.31 31.57
N SER B 26 -2.27 3.45 30.27
CA SER B 26 -3.35 4.32 29.86
C SER B 26 -4.68 3.83 30.42
N THR B 27 -5.63 4.76 30.58
CA THR B 27 -6.90 4.44 31.23
C THR B 27 -7.63 3.32 30.51
N PHE B 28 -7.67 3.38 29.18
CA PHE B 28 -8.37 2.35 28.42
C PHE B 28 -7.67 1.01 28.52
N MET B 29 -6.38 0.97 28.18
CA MET B 29 -5.66 -0.30 28.14
C MET B 29 -5.50 -0.92 29.52
N SER B 30 -5.40 -0.09 30.57
CA SER B 30 -5.30 -0.62 31.92
C SER B 30 -6.62 -1.24 32.36
N ASP B 31 -7.73 -0.52 32.16
CA ASP B 31 -9.04 -1.05 32.52
C ASP B 31 -9.41 -2.26 31.67
N LEU B 32 -9.01 -2.27 30.39
CA LEU B 32 -9.32 -3.40 29.53
C LEU B 32 -8.64 -4.67 30.02
N LEU B 33 -7.40 -4.55 30.48
CA LEU B 33 -6.66 -5.73 30.90
C LEU B 33 -7.03 -6.18 32.30
N LYS B 34 -7.52 -5.27 33.14
CA LYS B 34 -8.01 -5.64 34.45
C LYS B 34 -9.44 -6.21 34.40
N GLY B 35 -10.03 -6.31 33.22
CA GLY B 35 -11.34 -6.91 33.09
C GLY B 35 -12.50 -6.00 33.39
N ARG B 36 -12.28 -4.69 33.44
CA ARG B 36 -13.33 -3.74 33.79
C ARG B 36 -14.08 -3.21 32.58
N LEU B 37 -13.70 -3.61 31.37
CA LEU B 37 -14.36 -3.17 30.14
C LEU B 37 -15.18 -4.33 29.59
N GLY B 38 -15.12 -4.64 28.29
CA GLY B 38 -15.88 -5.73 27.74
C GLY B 38 -15.41 -6.03 26.33
N VAL B 39 -16.09 -7.00 25.71
CA VAL B 39 -15.72 -7.39 24.34
C VAL B 39 -16.02 -6.25 23.37
N ALA B 40 -17.05 -5.45 23.66
CA ALA B 40 -17.36 -4.30 22.81
C ALA B 40 -16.19 -3.33 22.76
N GLU B 41 -15.55 -3.09 23.91
CA GLU B 41 -14.38 -2.22 23.93
C GLU B 41 -13.21 -2.85 23.16
N PHE B 42 -12.98 -4.15 23.38
CA PHE B 42 -11.92 -4.83 22.64
C PHE B 42 -12.17 -4.80 21.14
N THR B 43 -13.44 -4.84 20.73
CA THR B 43 -13.75 -4.78 19.31
C THR B 43 -13.53 -3.36 18.76
N ARG B 44 -13.93 -2.33 19.50
CA ARG B 44 -13.62 -0.97 19.09
C ARG B 44 -12.12 -0.75 18.96
N LEU B 45 -11.34 -1.45 19.77
CA LEU B 45 -9.89 -1.36 19.67
C LEU B 45 -9.38 -2.02 18.40
N GLN B 46 -9.91 -3.19 18.05
CA GLN B 46 -9.45 -3.91 16.88
C GLN B 46 -9.87 -3.22 15.58
N GLU B 47 -10.98 -2.47 15.62
CA GLU B 47 -11.40 -1.72 14.43
C GLU B 47 -10.43 -0.58 14.15
N GLN B 48 -10.07 0.19 15.18
CA GLN B 48 -9.05 1.22 15.01
C GLN B 48 -7.70 0.59 14.67
N ALA B 49 -7.40 -0.56 15.28
CA ALA B 49 -6.16 -1.26 14.95
C ALA B 49 -6.13 -1.67 13.48
N TRP B 50 -7.28 -2.10 12.96
CA TRP B 50 -7.35 -2.47 11.54
C TRP B 50 -7.09 -1.27 10.64
N LEU B 51 -7.45 -0.07 11.09
CA LEU B 51 -7.31 1.10 10.24
C LEU B 51 -5.85 1.51 10.09
N PHE B 52 -5.10 1.57 11.19
CA PHE B 52 -3.71 1.96 11.08
C PHE B 52 -2.77 0.81 10.76
N TYR B 53 -3.21 -0.44 10.94
CA TYR B 53 -2.43 -1.56 10.43
C TYR B 53 -2.56 -1.67 8.90
N THR B 54 -3.71 -1.28 8.36
CA THR B 54 -3.85 -1.18 6.91
C THR B 54 -2.88 -0.15 6.35
N ALA B 55 -2.81 1.02 6.99
CA ALA B 55 -1.90 2.06 6.54
C ALA B 55 -0.45 1.69 6.83
N LEU B 56 -0.20 1.00 7.94
CA LEU B 56 1.17 0.63 8.29
C LEU B 56 1.75 -0.34 7.27
N GLU B 57 0.97 -1.33 6.85
N GLU B 57 0.93 -1.29 6.82
CA GLU B 57 1.47 -2.34 5.93
CA GLU B 57 1.41 -2.36 5.91
C GLU B 57 1.58 -1.81 4.50
C GLU B 57 1.64 -1.77 4.52
N GLN B 58 0.88 -0.74 4.16
CA GLN B 58 1.16 -0.05 2.90
C GLN B 58 2.56 0.56 2.93
N ALA B 59 2.93 1.18 4.05
CA ALA B 59 4.27 1.76 4.17
C ALA B 59 5.34 0.67 4.20
N VAL B 60 5.03 -0.47 4.83
CA VAL B 60 5.96 -1.60 4.83
C VAL B 60 6.18 -2.09 3.40
N ASP B 61 5.11 -2.17 2.62
CA ASP B 61 5.24 -2.58 1.22
C ASP B 61 6.12 -1.61 0.45
N ALA B 62 5.90 -0.32 0.65
CA ALA B 62 6.69 0.69 -0.07
C ALA B 62 8.16 0.61 0.30
N VAL B 63 8.45 0.46 1.60
CA VAL B 63 9.83 0.44 2.04
C VAL B 63 10.51 -0.87 1.67
N ARG B 64 9.78 -1.99 1.79
CA ARG B 64 10.36 -3.27 1.41
C ARG B 64 10.70 -3.30 -0.07
N ALA B 65 9.88 -2.65 -0.91
CA ALA B 65 10.17 -2.60 -2.33
C ALA B 65 11.41 -1.76 -2.63
N SER B 66 11.72 -0.79 -1.77
CA SER B 66 12.94 -0.01 -1.92
C SER B 66 14.19 -0.79 -1.54
N GLY B 67 14.05 -2.03 -1.07
CA GLY B 67 15.18 -2.80 -0.64
C GLY B 67 15.73 -2.43 0.72
N PHE B 68 15.01 -1.60 1.47
CA PHE B 68 15.50 -1.11 2.76
C PHE B 68 14.95 -2.00 3.87
N ALA B 69 15.84 -2.58 4.68
CA ALA B 69 15.47 -3.43 5.81
C ALA B 69 14.55 -4.56 5.36
N GLU B 70 14.84 -5.14 4.19
CA GLU B 70 13.93 -6.09 3.58
C GLU B 70 13.77 -7.35 4.43
N SER B 71 14.85 -7.82 5.05
CA SER B 71 14.76 -9.00 5.91
C SER B 71 13.95 -8.71 7.16
N LEU B 72 13.99 -7.47 7.66
CA LEU B 72 13.22 -7.12 8.84
C LEU B 72 11.73 -7.04 8.53
N LEU B 73 11.38 -6.55 7.33
CA LEU B 73 9.98 -6.38 6.94
C LEU B 73 9.42 -7.71 6.44
N ASP B 74 9.37 -8.67 7.35
CA ASP B 74 8.86 -10.01 7.05
C ASP B 74 7.37 -9.92 6.73
N PRO B 75 6.94 -10.31 5.53
CA PRO B 75 5.51 -10.22 5.20
C PRO B 75 4.64 -11.15 6.05
N ALA B 76 5.22 -12.12 6.74
CA ALA B 76 4.44 -13.00 7.61
C ALA B 76 3.90 -12.29 8.84
N LEU B 77 4.34 -11.06 9.10
CA LEU B 77 3.87 -10.29 10.24
C LEU B 77 2.60 -9.51 9.97
N ASN B 78 2.14 -9.48 8.72
CA ASN B 78 0.97 -8.66 8.36
C ASN B 78 -0.24 -9.03 9.21
N ARG B 79 -0.92 -8.02 9.74
CA ARG B 79 -2.04 -8.20 10.65
C ARG B 79 -3.38 -7.74 10.07
N ALA B 80 -3.36 -7.00 8.96
CA ALA B 80 -4.60 -6.41 8.43
C ALA B 80 -5.58 -7.49 7.98
N GLU B 81 -5.09 -8.46 7.19
CA GLU B 81 -5.97 -9.53 6.72
C GLU B 81 -6.53 -10.35 7.88
N VAL B 82 -5.71 -10.55 8.92
CA VAL B 82 -6.17 -11.33 10.06
C VAL B 82 -7.16 -10.54 10.90
N LEU B 83 -6.86 -9.26 11.14
CA LEU B 83 -7.81 -8.42 11.86
C LEU B 83 -9.16 -8.36 11.17
N ALA B 84 -9.17 -8.44 9.84
CA ALA B 84 -10.44 -8.50 9.11
C ALA B 84 -11.22 -9.76 9.49
N ARG B 85 -10.52 -10.89 9.62
CA ARG B 85 -11.19 -12.12 10.03
C ARG B 85 -11.70 -12.00 11.46
N ASP B 86 -10.85 -11.52 12.37
CA ASP B 86 -11.26 -11.36 13.76
C ASP B 86 -12.44 -10.40 13.89
N LEU B 87 -12.45 -9.33 13.08
CA LEU B 87 -13.53 -8.36 13.14
C LEU B 87 -14.83 -8.91 12.57
N ASP B 88 -14.77 -9.92 11.70
CA ASP B 88 -16.00 -10.53 11.22
C ASP B 88 -16.65 -11.39 12.30
N LYS B 89 -15.85 -11.92 13.22
CA LYS B 89 -16.37 -12.78 14.30
C LYS B 89 -16.72 -11.98 15.54
N LEU B 90 -15.90 -10.99 15.89
CA LEU B 90 -16.23 -10.12 17.02
C LEU B 90 -17.49 -9.31 16.74
N ASN B 91 -17.65 -8.82 15.50
CA ASN B 91 -18.84 -8.07 15.12
C ASN B 91 -19.95 -8.95 14.56
N GLY B 92 -19.71 -10.25 14.44
CA GLY B 92 -20.75 -11.16 13.96
C GLY B 92 -21.01 -11.07 12.47
N SER B 93 -20.89 -9.88 11.90
CA SER B 93 -21.13 -9.65 10.49
C SER B 93 -19.93 -8.93 9.89
N SER B 94 -20.05 -8.57 8.62
CA SER B 94 -19.04 -7.80 7.91
C SER B 94 -19.46 -6.36 7.68
N GLU B 95 -20.61 -5.93 8.19
CA GLU B 95 -21.07 -4.56 7.97
C GLU B 95 -20.27 -3.53 8.75
N TRP B 96 -19.31 -3.97 9.57
CA TRP B 96 -18.41 -3.01 10.20
C TRP B 96 -17.59 -2.26 9.16
N ARG B 97 -17.11 -2.98 8.13
CA ARG B 97 -16.25 -2.36 7.12
C ARG B 97 -16.92 -1.12 6.52
N SER B 98 -18.23 -1.16 6.34
CA SER B 98 -18.92 -0.02 5.74
C SER B 98 -19.06 1.15 6.71
N ARG B 99 -19.03 0.88 8.02
CA ARG B 99 -19.44 1.88 9.00
C ARG B 99 -18.34 2.37 9.94
N ILE B 100 -17.23 1.63 10.09
CA ILE B 100 -16.22 2.06 11.06
C ILE B 100 -15.63 3.40 10.63
N THR B 101 -15.23 4.19 11.63
CA THR B 101 -14.75 5.54 11.42
C THR B 101 -13.52 5.77 12.27
N ALA B 102 -12.46 6.33 11.66
CA ALA B 102 -11.23 6.58 12.37
C ALA B 102 -11.41 7.70 13.40
N SER B 103 -10.87 7.48 14.58
CA SER B 103 -10.86 8.53 15.60
C SER B 103 -9.82 9.58 15.22
N PRO B 104 -9.94 10.80 15.77
CA PRO B 104 -8.94 11.85 15.49
C PRO B 104 -7.50 11.42 15.72
N ALA B 105 -7.26 10.48 16.63
CA ALA B 105 -5.92 9.99 16.83
C ALA B 105 -5.51 9.00 15.74
N VAL B 106 -6.45 8.17 15.29
CA VAL B 106 -6.15 7.22 14.21
C VAL B 106 -5.98 7.96 12.89
N ILE B 107 -6.63 9.10 12.72
CA ILE B 107 -6.44 9.90 11.51
C ILE B 107 -5.01 10.40 11.43
N ASP B 108 -4.50 10.98 12.52
CA ASP B 108 -3.12 11.42 12.54
C ASP B 108 -2.16 10.24 12.42
N TYR B 109 -2.50 9.13 13.07
CA TYR B 109 -1.66 7.94 12.99
C TYR B 109 -1.56 7.44 11.54
N VAL B 110 -2.70 7.34 10.86
CA VAL B 110 -2.70 6.91 9.46
C VAL B 110 -1.98 7.91 8.58
N ASN B 111 -2.20 9.21 8.84
CA ASN B 111 -1.53 10.26 8.06
C ASN B 111 -0.02 10.07 8.07
N ARG B 112 0.57 10.04 9.27
CA ARG B 112 2.03 9.86 9.37
C ARG B 112 2.49 8.60 8.65
N LEU B 113 1.71 7.52 8.75
CA LEU B 113 2.09 6.30 8.06
C LEU B 113 1.96 6.43 6.55
N GLU B 114 1.03 7.28 6.08
CA GLU B 114 0.93 7.53 4.65
C GLU B 114 1.99 8.49 4.15
N GLU B 115 2.55 9.33 5.02
CA GLU B 115 3.68 10.16 4.62
C GLU B 115 4.98 9.35 4.60
N ILE B 116 5.18 8.49 5.59
CA ILE B 116 6.30 7.56 5.58
C ILE B 116 6.22 6.67 4.34
N ARG B 117 5.00 6.31 3.93
CA ARG B 117 4.81 5.49 2.74
C ARG B 117 5.27 6.24 1.50
N ASP B 118 4.72 7.43 1.27
CA ASP B 118 5.00 8.17 0.04
C ASP B 118 6.45 8.67 0.00
N ASN B 119 6.96 9.16 1.13
CA ASN B 119 8.35 9.57 1.21
C ASN B 119 9.31 8.40 1.32
N VAL B 120 8.79 7.17 1.34
CA VAL B 120 9.57 5.94 1.48
C VAL B 120 10.61 6.13 2.57
N ASP B 121 10.16 6.57 3.74
CA ASP B 121 11.06 6.86 4.86
C ASP B 121 11.43 5.55 5.53
N GLY B 122 12.62 5.04 5.22
CA GLY B 122 13.08 3.78 5.75
C GLY B 122 13.18 3.76 7.26
N PRO B 123 14.03 4.63 7.82
CA PRO B 123 14.17 4.67 9.29
C PRO B 123 12.86 4.92 10.02
N ALA B 124 12.00 5.80 9.49
CA ALA B 124 10.74 6.07 10.16
C ALA B 124 9.80 4.87 10.12
N LEU B 125 9.82 4.11 9.02
CA LEU B 125 8.96 2.94 8.91
C LEU B 125 9.41 1.84 9.87
N VAL B 126 10.72 1.56 9.93
CA VAL B 126 11.24 0.54 10.83
C VAL B 126 10.90 0.88 12.28
N ALA B 127 10.90 2.16 12.62
CA ALA B 127 10.49 2.56 13.97
C ALA B 127 9.07 2.11 14.27
N HIS B 128 8.13 2.42 13.37
CA HIS B 128 6.75 1.96 13.55
C HIS B 128 6.67 0.44 13.44
N HIS B 129 7.56 -0.17 12.66
CA HIS B 129 7.59 -1.63 12.58
C HIS B 129 7.95 -2.25 13.93
N TYR B 130 9.00 -1.70 14.57
CA TYR B 130 9.41 -2.19 15.88
C TYR B 130 8.32 -1.97 16.92
N VAL B 131 7.71 -0.78 16.93
CA VAL B 131 6.79 -0.42 17.98
C VAL B 131 5.55 -1.32 17.97
N ARG B 132 4.95 -1.49 16.79
CA ARG B 132 3.73 -2.30 16.70
C ARG B 132 4.04 -3.79 16.75
N TYR B 133 4.88 -4.27 15.83
CA TYR B 133 5.02 -5.71 15.63
C TYR B 133 5.74 -6.38 16.80
N LEU B 134 6.88 -5.83 17.21
CA LEU B 134 7.62 -6.45 18.32
C LEU B 134 6.80 -6.45 19.60
N GLY B 135 5.89 -5.49 19.75
CA GLY B 135 4.96 -5.54 20.87
C GLY B 135 3.87 -6.58 20.68
N ASP B 136 3.40 -6.74 19.45
CA ASP B 136 2.48 -7.84 19.16
C ASP B 136 3.11 -9.18 19.50
N LEU B 137 4.40 -9.34 19.19
CA LEU B 137 5.11 -10.56 19.57
C LEU B 137 5.38 -10.63 21.06
N SER B 138 5.25 -9.50 21.78
CA SER B 138 5.59 -9.45 23.18
C SER B 138 4.31 -9.31 23.98
N GLY B 139 3.82 -8.11 24.24
CA GLY B 139 2.65 -7.93 25.09
C GLY B 139 1.37 -8.48 24.51
N GLY B 140 1.28 -8.61 23.19
CA GLY B 140 0.08 -9.14 22.58
C GLY B 140 -0.30 -10.52 23.07
N GLN B 141 0.71 -11.32 23.45
CA GLN B 141 0.43 -12.65 23.98
C GLN B 141 -0.24 -12.55 25.35
N VAL B 142 0.22 -11.63 26.20
CA VAL B 142 -0.44 -11.41 27.48
C VAL B 142 -1.84 -10.85 27.27
N ILE B 143 -2.00 -9.93 26.32
CA ILE B 143 -3.30 -9.32 26.08
C ILE B 143 -4.29 -10.36 25.53
N ALA B 144 -3.83 -11.20 24.61
CA ALA B 144 -4.69 -12.23 24.06
C ALA B 144 -5.19 -13.19 25.14
N ARG B 145 -4.32 -13.55 26.09
CA ARG B 145 -4.74 -14.41 27.19
C ARG B 145 -5.76 -13.72 28.07
N MET B 146 -5.72 -12.39 28.12
CA MET B 146 -6.62 -11.67 29.02
C MET B 146 -7.98 -11.35 28.39
N MET B 147 -8.06 -11.25 27.07
CA MET B 147 -9.37 -11.20 26.44
C MET B 147 -10.10 -12.53 26.58
N GLN B 148 -9.34 -13.63 26.62
CA GLN B 148 -9.92 -14.94 26.91
C GLN B 148 -10.32 -15.06 28.37
N ARG B 149 -9.44 -14.62 29.28
CA ARG B 149 -9.69 -14.82 30.71
C ARG B 149 -10.85 -13.94 31.19
N HIS B 150 -10.76 -12.62 30.96
CA HIS B 150 -11.73 -11.72 31.55
C HIS B 150 -13.04 -11.64 30.77
N TYR B 151 -13.00 -11.81 29.46
CA TYR B 151 -14.19 -11.65 28.63
C TYR B 151 -14.59 -12.89 27.86
N GLY B 152 -13.79 -13.95 27.87
CA GLY B 152 -14.14 -15.17 27.16
C GLY B 152 -14.15 -15.03 25.66
N VAL B 153 -13.21 -14.26 25.10
CA VAL B 153 -13.14 -14.07 23.66
C VAL B 153 -12.76 -15.39 22.98
N ASP B 154 -13.47 -15.70 21.90
CA ASP B 154 -13.15 -16.89 21.11
C ASP B 154 -11.72 -16.78 20.58
N PRO B 155 -10.86 -17.78 20.86
CA PRO B 155 -9.49 -17.71 20.31
C PRO B 155 -9.44 -17.62 18.80
N GLU B 156 -10.44 -18.14 18.09
CA GLU B 156 -10.49 -17.99 16.64
C GLU B 156 -10.67 -16.53 16.23
N ALA B 157 -11.18 -15.69 17.13
CA ALA B 157 -11.25 -14.26 16.93
C ALA B 157 -10.05 -13.53 17.53
N LEU B 158 -8.98 -14.28 17.85
CA LEU B 158 -7.75 -13.71 18.40
C LEU B 158 -6.56 -14.01 17.52
N GLY B 159 -6.79 -14.20 16.21
CA GLY B 159 -5.71 -14.49 15.29
C GLY B 159 -4.72 -13.35 15.15
N PHE B 160 -5.12 -12.12 15.51
CA PHE B 160 -4.21 -10.98 15.45
C PHE B 160 -2.95 -11.23 16.28
N TYR B 161 -3.11 -11.84 17.45
CA TYR B 161 -1.98 -12.13 18.33
C TYR B 161 -1.33 -13.46 18.03
N HIS B 162 -1.77 -14.16 16.99
CA HIS B 162 -1.19 -15.43 16.56
C HIS B 162 -0.42 -15.22 15.27
N PHE B 163 0.85 -15.63 15.27
CA PHE B 163 1.72 -15.49 14.10
C PHE B 163 2.04 -16.89 13.58
N GLU B 164 1.54 -17.19 12.38
CA GLU B 164 1.55 -18.54 11.85
C GLU B 164 2.93 -18.97 11.36
N GLY B 165 3.42 -18.34 10.29
CA GLY B 165 4.68 -18.76 9.70
C GLY B 165 5.91 -18.50 10.55
N ILE B 166 5.77 -17.67 11.59
CA ILE B 166 6.90 -17.36 12.46
C ILE B 166 7.38 -18.62 13.16
N ALA B 167 8.69 -18.71 13.38
CA ALA B 167 9.30 -19.83 14.09
C ALA B 167 8.84 -19.88 15.55
N LYS B 168 9.78 -19.71 16.48
CA LYS B 168 9.45 -19.58 17.89
C LYS B 168 9.44 -18.12 18.27
N LEU B 169 8.48 -17.73 19.11
CA LEU B 169 8.28 -16.32 19.45
C LEU B 169 9.55 -15.72 20.04
N LYS B 170 10.15 -16.40 21.03
CA LYS B 170 11.34 -15.85 21.68
C LYS B 170 12.54 -15.86 20.73
N VAL B 171 12.68 -16.90 19.90
CA VAL B 171 13.79 -16.91 18.96
C VAL B 171 13.55 -15.89 17.85
N TYR B 172 12.33 -15.84 17.32
CA TYR B 172 12.03 -14.88 16.26
C TYR B 172 12.21 -13.45 16.76
N LYS B 173 11.81 -13.19 18.01
CA LYS B 173 12.05 -11.87 18.59
C LYS B 173 13.54 -11.60 18.78
N ASP B 174 14.36 -12.65 18.90
CA ASP B 174 15.80 -12.47 18.98
C ASP B 174 16.41 -12.25 17.61
N GLU B 175 15.87 -12.89 16.56
CA GLU B 175 16.30 -12.56 15.21
C GLU B 175 15.91 -11.14 14.85
N TYR B 176 14.75 -10.68 15.32
CA TYR B 176 14.33 -9.31 15.04
C TYR B 176 15.29 -8.29 15.65
N ARG B 177 15.70 -8.51 16.90
CA ARG B 177 16.67 -7.60 17.50
C ARG B 177 18.03 -7.71 16.83
N GLU B 178 18.36 -8.89 16.32
CA GLU B 178 19.61 -9.04 15.55
C GLU B 178 19.55 -8.28 14.23
N LYS B 179 18.41 -8.35 13.54
CA LYS B 179 18.28 -7.66 12.26
C LYS B 179 18.34 -6.15 12.44
N LEU B 180 17.88 -5.63 13.57
CA LEU B 180 18.00 -4.19 13.84
C LEU B 180 19.47 -3.78 13.98
N ASN B 181 20.24 -4.57 14.74
CA ASN B 181 21.65 -4.27 14.94
C ASN B 181 22.44 -4.26 13.63
N ASN B 182 21.94 -4.94 12.61
CA ASN B 182 22.64 -5.07 11.33
C ASN B 182 22.08 -4.14 10.26
N LEU B 183 21.24 -3.18 10.64
CA LEU B 183 20.73 -2.20 9.69
C LEU B 183 21.80 -1.16 9.42
N GLU B 184 22.17 -1.00 8.15
CA GLU B 184 23.13 0.04 7.78
C GLU B 184 22.42 1.39 7.85
N LEU B 185 22.57 2.09 8.97
CA LEU B 185 21.97 3.38 9.19
C LEU B 185 23.05 4.38 9.54
N SER B 186 23.05 5.52 8.84
CA SER B 186 23.85 6.64 9.31
C SER B 186 23.32 7.10 10.66
N ASP B 187 24.19 7.78 11.42
CA ASP B 187 23.77 8.31 12.71
C ASP B 187 22.56 9.23 12.56
N GLU B 188 22.43 9.88 11.41
CA GLU B 188 21.25 10.70 11.14
C GLU B 188 20.02 9.83 10.95
N GLN B 189 20.13 8.79 10.12
CA GLN B 189 19.05 7.82 9.99
C GLN B 189 18.76 7.14 11.33
N ARG B 190 19.78 6.91 12.14
CA ARG B 190 19.57 6.27 13.44
C ARG B 190 18.78 7.18 14.38
N GLU B 191 19.24 8.42 14.54
CA GLU B 191 18.53 9.34 15.43
C GLU B 191 17.12 9.62 14.95
N HIS B 192 16.90 9.62 13.63
CA HIS B 192 15.55 9.79 13.10
C HIS B 192 14.69 8.57 13.40
N LEU B 193 15.27 7.38 13.32
CA LEU B 193 14.54 6.15 13.64
C LEU B 193 14.12 6.13 15.11
N LEU B 194 15.01 6.58 16.00
CA LEU B 194 14.68 6.55 17.43
C LEU B 194 13.60 7.57 17.76
N LYS B 195 13.68 8.76 17.17
CA LYS B 195 12.66 9.77 17.43
C LYS B 195 11.30 9.34 16.90
N GLU B 196 11.28 8.68 15.73
CA GLU B 196 10.03 8.13 15.22
C GLU B 196 9.54 6.98 16.09
N ALA B 197 10.46 6.23 16.70
CA ALA B 197 10.04 5.16 17.61
C ALA B 197 9.34 5.73 18.84
N THR B 198 9.85 6.84 19.38
CA THR B 198 9.15 7.51 20.46
C THR B 198 7.85 8.13 19.96
N ASP B 199 7.87 8.72 18.78
CA ASP B 199 6.66 9.26 18.18
C ASP B 199 5.59 8.19 18.01
N ALA B 200 5.99 6.96 17.70
CA ALA B 200 5.02 5.91 17.46
C ALA B 200 4.28 5.52 18.74
N PHE B 201 4.98 5.46 19.86
CA PHE B 201 4.32 5.17 21.13
C PHE B 201 3.32 6.26 21.49
N VAL B 202 3.67 7.51 21.21
CA VAL B 202 2.75 8.61 21.48
C VAL B 202 1.49 8.47 20.64
N PHE B 203 1.64 8.04 19.38
CA PHE B 203 0.48 7.81 18.54
C PHE B 203 -0.45 6.75 19.14
N ASN B 204 0.11 5.58 19.46
CA ASN B 204 -0.70 4.51 20.03
C ASN B 204 -1.32 4.91 21.36
N HIS B 205 -0.61 5.72 22.16
CA HIS B 205 -1.18 6.16 23.42
C HIS B 205 -2.39 7.06 23.19
N GLN B 206 -2.32 7.93 22.18
CA GLN B 206 -3.47 8.77 21.86
C GLN B 206 -4.61 7.97 21.28
N VAL B 207 -4.34 6.82 20.67
CA VAL B 207 -5.42 5.95 20.21
C VAL B 207 -6.22 5.43 21.41
N PHE B 208 -5.53 4.96 22.44
CA PHE B 208 -6.20 4.50 23.65
C PHE B 208 -6.92 5.66 24.35
N ALA B 209 -6.28 6.83 24.37
CA ALA B 209 -6.89 7.99 25.02
C ALA B 209 -8.22 8.35 24.36
N ASP B 210 -8.29 8.23 23.03
CA ASP B 210 -9.57 8.45 22.35
C ASP B 210 -10.54 7.30 22.60
N LEU B 211 -10.03 6.09 22.82
CA LEU B 211 -10.89 4.95 23.11
C LEU B 211 -11.44 4.99 24.54
N GLY B 212 -10.80 5.70 25.45
CA GLY B 212 -11.39 6.04 26.73
C GLY B 212 -12.34 7.21 26.71
N LYS B 213 -12.33 8.00 25.63
CA LYS B 213 -13.25 9.11 25.45
C LYS B 213 -14.65 8.63 25.12
CO COH C . 0.19 -0.63 -6.54
CHA COH C . -2.45 0.34 -4.58
CHB COH C . -1.96 -1.26 -9.12
CHC COH C . 2.84 -1.54 -8.50
CHD COH C . 2.34 0.10 -3.98
NA COH C . -1.73 -0.50 -6.79
C1A COH C . -2.71 -0.08 -5.94
C2A COH C . -4.12 -0.08 -6.41
C3A COH C . -3.97 -0.56 -7.78
C4A COH C . -2.50 -0.77 -7.87
CMA COH C . -5.02 -0.79 -8.82
CAA COH C . -5.37 0.33 -5.68
CBA COH C . -5.89 -0.78 -4.79
CGA COH C . -7.23 -0.37 -4.23
O1A COH C . -7.27 0.50 -3.33
O2A COH C . -8.27 -0.90 -4.69
NB COH C . 0.40 -1.25 -8.36
C1B COH C . -0.54 -1.46 -9.33
C2B COH C . -0.10 -1.94 -10.68
C3B COH C . 1.34 -2.02 -10.45
C4B COH C . 1.51 -1.58 -9.06
CMB COH C . -0.90 -2.26 -11.91
CAB COH C . 2.39 -2.43 -11.41
CBB COH C . 2.25 -3.52 -12.15
NC COH C . 2.12 -0.71 -6.30
C1C COH C . 3.11 -1.09 -7.16
C2C COH C . 4.53 -1.04 -6.71
C3C COH C . 4.34 -0.55 -5.36
C4C COH C . 2.88 -0.40 -5.23
CMC COH C . 5.76 -1.42 -7.48
CAC COH C . 5.34 -0.27 -4.29
CBC COH C . 6.60 -0.05 -4.57
ND COH C . -0.01 0.06 -4.72
C1D COH C . 0.93 0.32 -3.77
C2D COH C . 0.49 0.84 -2.46
C3D COH C . -0.95 0.92 -2.63
C4D COH C . -1.12 0.42 -4.03
CMD COH C . 1.33 1.20 -1.26
CAD COH C . -1.98 1.38 -1.63
CBD COH C . -2.97 0.27 -1.27
CGD COH C . -2.35 -1.08 -0.99
O1D COH C . -3.09 -2.09 -1.07
O2D COH C . -1.14 -1.18 -0.69
CO COH D . 4.69 -4.07 25.27
CHA COH D . 7.87 -5.22 25.29
CHB COH D . 5.21 -2.51 22.29
CHC COH D . 1.76 -2.37 25.71
CHD COH D . 3.82 -6.28 27.71
NA COH D . 6.20 -3.90 24.07
C1A COH D . 7.45 -4.43 24.15
C2A COH D . 8.42 -4.13 23.06
C3A COH D . 7.60 -3.33 22.16
C4A COH D . 6.31 -3.26 22.88
CMA COH D . 7.98 -2.70 20.84
CAA COH D . 9.84 -4.59 22.89
CBA COH D . 10.88 -3.78 23.64
CGA COH D . 12.21 -4.37 23.27
O1A COH D . 12.54 -5.47 23.78
O2A COH D . 12.95 -3.77 22.46
NB COH D . 3.71 -2.75 24.23
C1B COH D . 4.01 -2.17 23.02
C2B COH D . 3.05 -1.19 22.45
C3B COH D . 2.05 -1.17 23.50
C4B COH D . 2.53 -2.14 24.50
CMB COH D . 3.10 -0.40 21.17
CAB COH D . 0.78 -0.40 23.57
CBB COH D . 0.84 0.90 23.76
NC COH D . 3.15 -4.27 26.44
C1C COH D . 2.00 -3.54 26.53
C2C COH D . 0.97 -3.94 27.53
C3C COH D . 1.62 -5.11 28.10
C4C COH D . 2.90 -5.20 27.38
CMC COH D . -0.37 -3.29 27.81
CAC COH D . 1.19 -6.04 29.18
CBC COH D . 0.02 -5.94 29.78
ND COH D . 5.63 -5.43 26.27
C1D COH D . 5.19 -6.28 27.23
C2D COH D . 6.15 -7.23 27.83
C3D COH D . 7.37 -6.92 27.10
C4D COH D . 6.92 -5.83 26.20
CMD COH D . 5.92 -8.26 28.91
CAD COH D . 8.75 -7.53 27.22
CBD COH D . 8.91 -8.64 26.19
CGD COH D . 10.19 -8.38 25.42
O1D COH D . 10.10 -7.96 24.25
O2D COH D . 11.28 -8.62 25.99
#